data_1OHC
#
_entry.id   1OHC
#
_cell.length_a   114.702
_cell.length_b   51.937
_cell.length_c   65.070
_cell.angle_alpha   90.00
_cell.angle_beta   118.34
_cell.angle_gamma   90.00
#
_symmetry.space_group_name_H-M   'C 1 2 1'
#
loop_
_entity.id
_entity.type
_entity.pdbx_description
1 polymer 'CDC14B2 PHOSPHATASE'
2 water water
#
_entity_poly.entity_id   1
_entity_poly.type   'polypeptide(L)'
_entity_poly.pdbx_seq_one_letter_code
;PRRRDPQDDVYLDITDRLCFAILYSRPKSASNVHYFSIDNELEYENFYADFGPLNLAMVYRYCCKINKKLKSITMLRKKI
VHFTGSDQRKQANAAFLVGCYMVIYLGRTPEEAYRILIFGETSYIPFRDAAYGSCNFYITLLDCFHAVKKAMQYGFLNFN
SFNLDEYEHYEKAENGDLNWIIPDRFIAFCGPHSRARLESGYHQHSPETYIQYFKNHNVTTIIRLNKRMYDAKRFTDAGF
DHHDLFFADGSTPTDAIVKEFLDICENAEGAIAVHCKAGLGRTGTLIACYIMKHYRMTAAETIAWVRICRPGSVIGPQQQ
FLVMKQTNLWLEGDYFRQKLKGQENGQH
;
_entity_poly.pdbx_strand_id   A
#
# COMPACT_ATOMS: atom_id res chain seq x y z
N ARG A 4 10.51 -26.68 3.25
CA ARG A 4 11.26 -27.16 2.07
C ARG A 4 11.18 -28.69 1.99
N ASP A 5 9.99 -29.21 2.28
CA ASP A 5 9.75 -30.64 2.25
C ASP A 5 8.24 -30.86 2.28
N PRO A 6 7.72 -31.71 1.37
CA PRO A 6 6.28 -31.98 1.33
C PRO A 6 5.72 -32.58 2.62
N GLN A 7 6.47 -32.39 3.70
CA GLN A 7 6.10 -32.86 5.03
C GLN A 7 5.56 -31.62 5.72
N ASP A 8 6.10 -30.47 5.32
CA ASP A 8 5.70 -29.20 5.88
C ASP A 8 4.40 -28.70 5.20
N ASP A 9 3.76 -29.58 4.43
CA ASP A 9 2.51 -29.25 3.77
C ASP A 9 1.48 -28.91 4.83
N VAL A 10 0.54 -28.02 4.51
CA VAL A 10 -0.46 -27.65 5.49
C VAL A 10 -1.74 -27.16 4.83
N TYR A 11 -2.87 -27.58 5.37
CA TYR A 11 -4.17 -27.17 4.86
C TYR A 11 -4.89 -26.44 5.99
N LEU A 12 -5.40 -25.25 5.69
CA LEU A 12 -6.07 -24.43 6.68
C LEU A 12 -7.45 -24.04 6.20
N ASP A 13 -8.47 -24.29 7.02
CA ASP A 13 -9.83 -23.92 6.60
C ASP A 13 -10.08 -22.45 6.77
N ILE A 14 -10.70 -21.86 5.76
CA ILE A 14 -11.00 -20.45 5.84
C ILE A 14 -12.51 -20.36 6.07
N THR A 15 -13.29 -20.96 5.18
CA THR A 15 -14.75 -20.99 5.29
C THR A 15 -15.14 -22.43 5.07
N ASP A 16 -16.42 -22.72 5.09
CA ASP A 16 -16.82 -24.09 4.88
C ASP A 16 -16.47 -24.57 3.48
N ARG A 17 -16.39 -23.64 2.52
CA ARG A 17 -16.08 -23.99 1.14
C ARG A 17 -14.70 -23.58 0.68
N LEU A 18 -14.06 -22.68 1.43
CA LEU A 18 -12.75 -22.20 1.04
C LEU A 18 -11.61 -22.68 1.93
N CYS A 19 -10.55 -23.13 1.29
CA CYS A 19 -9.41 -23.62 2.00
C CYS A 19 -8.10 -22.96 1.56
N PHE A 20 -7.13 -22.86 2.46
CA PHE A 20 -5.82 -22.29 2.13
C PHE A 20 -4.72 -23.35 2.35
N ALA A 21 -3.89 -23.61 1.34
CA ALA A 21 -2.83 -24.64 1.42
C ALA A 21 -1.44 -24.20 1.01
N ILE A 22 -0.45 -24.65 1.77
CA ILE A 22 0.94 -24.38 1.51
C ILE A 22 1.53 -25.74 1.17
N LEU A 23 1.67 -26.01 -0.13
CA LEU A 23 2.18 -27.27 -0.61
C LEU A 23 3.63 -27.21 -1.09
N TYR A 24 4.44 -28.16 -0.64
CA TYR A 24 5.83 -28.21 -1.06
C TYR A 24 5.97 -29.28 -2.11
N SER A 25 4.84 -29.68 -2.66
CA SER A 25 4.80 -30.71 -3.68
C SER A 25 3.67 -30.47 -4.69
N ARG A 26 3.37 -31.49 -5.47
CA ARG A 26 2.33 -31.45 -6.50
C ARG A 26 0.96 -31.58 -5.83
N PRO A 27 0.09 -30.60 -6.04
CA PRO A 27 -1.25 -30.65 -5.45
C PRO A 27 -1.94 -31.89 -5.97
N LYS A 28 -2.42 -32.75 -5.07
CA LYS A 28 -3.12 -33.93 -5.55
C LYS A 28 -4.45 -33.37 -6.08
N SER A 29 -5.20 -34.14 -6.86
CA SER A 29 -6.46 -33.63 -7.38
C SER A 29 -7.61 -34.34 -6.69
N ALA A 30 -8.82 -34.01 -7.11
CA ALA A 30 -10.03 -34.62 -6.58
C ALA A 30 -11.15 -34.10 -7.45
N SER A 31 -12.21 -34.88 -7.62
CA SER A 31 -13.33 -34.48 -8.46
C SER A 31 -14.18 -33.39 -7.83
N ASN A 32 -14.09 -33.25 -6.52
CA ASN A 32 -14.89 -32.24 -5.86
C ASN A 32 -14.03 -31.23 -5.12
N VAL A 33 -12.80 -31.07 -5.56
CA VAL A 33 -11.91 -30.06 -4.99
C VAL A 33 -11.31 -29.27 -6.17
N HIS A 34 -11.35 -27.94 -6.08
CA HIS A 34 -10.76 -27.11 -7.12
C HIS A 34 -9.53 -26.42 -6.56
N TYR A 35 -8.39 -26.62 -7.20
CA TYR A 35 -7.14 -25.99 -6.77
C TYR A 35 -6.78 -24.81 -7.67
N PHE A 36 -6.23 -23.75 -7.10
CA PHE A 36 -5.84 -22.60 -7.90
C PHE A 36 -4.77 -21.84 -7.10
N SER A 37 -3.78 -21.34 -7.83
CA SER A 37 -2.68 -20.60 -7.26
C SER A 37 -2.54 -19.26 -7.94
N ILE A 38 -2.02 -18.28 -7.22
CA ILE A 38 -1.83 -16.97 -7.80
C ILE A 38 -0.35 -16.66 -7.75
N ASP A 39 0.46 -17.64 -7.34
CA ASP A 39 1.90 -17.45 -7.26
C ASP A 39 2.47 -16.88 -8.57
N ASN A 40 1.85 -17.20 -9.68
CA ASN A 40 2.35 -16.69 -10.95
C ASN A 40 1.29 -15.84 -11.60
N GLU A 41 0.36 -15.33 -10.82
CA GLU A 41 -0.68 -14.52 -11.41
C GLU A 41 -0.70 -13.14 -10.83
N LEU A 42 -0.47 -13.03 -9.54
CA LEU A 42 -0.42 -11.75 -8.87
C LEU A 42 0.98 -11.67 -8.22
N GLU A 43 1.94 -11.20 -9.00
CA GLU A 43 3.32 -11.13 -8.55
C GLU A 43 3.75 -9.74 -8.18
N TYR A 44 4.59 -9.66 -7.16
CA TYR A 44 5.11 -8.41 -6.66
C TYR A 44 6.25 -7.92 -7.55
N GLU A 45 6.23 -6.65 -7.89
CA GLU A 45 7.29 -6.06 -8.71
C GLU A 45 8.24 -5.40 -7.72
N ASN A 46 9.28 -6.13 -7.35
CA ASN A 46 10.25 -5.68 -6.37
C ASN A 46 11.27 -4.67 -6.83
N PHE A 47 11.73 -3.84 -5.90
CA PHE A 47 12.73 -2.82 -6.17
C PHE A 47 14.10 -3.42 -5.88
N TYR A 48 14.32 -3.84 -4.63
CA TYR A 48 15.58 -4.46 -4.24
C TYR A 48 15.27 -5.77 -3.56
N ALA A 49 15.47 -5.86 -2.25
CA ALA A 49 15.20 -7.13 -1.58
C ALA A 49 13.73 -7.27 -1.12
N ASP A 50 12.92 -6.21 -1.25
CA ASP A 50 11.52 -6.29 -0.86
C ASP A 50 10.80 -7.34 -1.69
N PHE A 51 9.79 -7.97 -1.11
CA PHE A 51 9.08 -9.02 -1.82
C PHE A 51 7.60 -8.91 -1.66
N GLY A 52 7.15 -7.80 -1.09
CA GLY A 52 5.71 -7.58 -0.91
C GLY A 52 5.52 -6.60 0.23
N PRO A 53 4.27 -6.38 0.70
CA PRO A 53 3.02 -6.99 0.24
C PRO A 53 2.50 -6.50 -1.10
N LEU A 54 1.54 -7.25 -1.65
CA LEU A 54 0.91 -6.92 -2.93
C LEU A 54 0.10 -5.63 -2.80
N ASN A 55 0.07 -4.83 -3.88
CA ASN A 55 -0.64 -3.54 -3.89
C ASN A 55 -2.15 -3.72 -3.89
N LEU A 56 -2.91 -2.63 -3.76
CA LEU A 56 -4.38 -2.76 -3.73
C LEU A 56 -4.98 -3.41 -4.94
N ALA A 57 -4.44 -3.11 -6.12
CA ALA A 57 -5.00 -3.68 -7.33
C ALA A 57 -5.01 -5.20 -7.26
N MET A 58 -3.86 -5.79 -6.99
CA MET A 58 -3.80 -7.24 -6.90
C MET A 58 -4.71 -7.73 -5.76
N VAL A 59 -4.73 -7.04 -4.62
CA VAL A 59 -5.62 -7.45 -3.55
C VAL A 59 -7.07 -7.46 -4.08
N TYR A 60 -7.46 -6.38 -4.76
CA TYR A 60 -8.81 -6.33 -5.30
C TYR A 60 -9.03 -7.41 -6.35
N ARG A 61 -8.04 -7.69 -7.19
CA ARG A 61 -8.20 -8.75 -8.19
C ARG A 61 -8.44 -10.10 -7.54
N TYR A 62 -7.67 -10.38 -6.48
CA TYR A 62 -7.79 -11.62 -5.75
C TYR A 62 -9.19 -11.77 -5.19
N CYS A 63 -9.67 -10.75 -4.49
CA CYS A 63 -11.02 -10.79 -3.94
C CYS A 63 -12.04 -11.05 -5.03
N CYS A 64 -11.82 -10.53 -6.24
CA CYS A 64 -12.77 -10.80 -7.33
C CYS A 64 -12.71 -12.25 -7.80
N LYS A 65 -11.51 -12.80 -7.84
CA LYS A 65 -11.35 -14.19 -8.25
C LYS A 65 -12.04 -15.14 -7.23
N ILE A 66 -11.93 -14.82 -5.95
CA ILE A 66 -12.55 -15.65 -4.94
C ILE A 66 -14.06 -15.56 -5.06
N ASN A 67 -14.58 -14.34 -5.05
CA ASN A 67 -16.02 -14.19 -5.18
C ASN A 67 -16.49 -14.89 -6.46
N LYS A 68 -15.79 -14.70 -7.58
CA LYS A 68 -16.16 -15.33 -8.84
C LYS A 68 -16.14 -16.86 -8.72
N LYS A 69 -15.06 -17.43 -8.21
CA LYS A 69 -15.04 -18.86 -8.04
C LYS A 69 -16.16 -19.38 -7.08
N LEU A 70 -16.44 -18.69 -6.00
CA LEU A 70 -17.51 -19.17 -5.13
C LEU A 70 -18.90 -19.11 -5.77
N LYS A 71 -19.09 -18.22 -6.74
CA LYS A 71 -20.38 -18.07 -7.42
C LYS A 71 -20.64 -19.02 -8.60
N SER A 72 -19.60 -19.50 -9.28
CA SER A 72 -19.84 -20.35 -10.45
C SER A 72 -20.66 -21.62 -10.21
N ILE A 73 -21.65 -21.82 -11.07
CA ILE A 73 -22.54 -22.97 -10.99
C ILE A 73 -21.82 -24.27 -11.29
N THR A 74 -20.72 -24.21 -12.03
CA THR A 74 -19.95 -25.41 -12.37
C THR A 74 -19.17 -25.97 -11.16
N MET A 75 -19.01 -25.17 -10.12
CA MET A 75 -18.23 -25.57 -8.96
C MET A 75 -18.91 -25.35 -7.66
N LEU A 76 -20.22 -25.15 -7.65
CA LEU A 76 -20.86 -24.90 -6.37
C LEU A 76 -20.77 -26.07 -5.37
N ARG A 77 -20.52 -27.28 -5.87
CA ARG A 77 -20.42 -28.44 -5.00
C ARG A 77 -18.97 -28.81 -4.72
N LYS A 78 -18.06 -27.87 -4.92
CA LYS A 78 -16.66 -28.18 -4.71
C LYS A 78 -16.01 -27.31 -3.71
N LYS A 79 -14.94 -27.83 -3.10
CA LYS A 79 -14.20 -27.02 -2.16
C LYS A 79 -13.18 -26.31 -3.03
N ILE A 80 -12.99 -25.03 -2.75
CA ILE A 80 -12.06 -24.17 -3.47
C ILE A 80 -10.80 -24.15 -2.65
N VAL A 81 -9.68 -24.56 -3.24
CA VAL A 81 -8.43 -24.52 -2.50
C VAL A 81 -7.41 -23.55 -3.12
N HIS A 82 -7.06 -22.53 -2.36
CA HIS A 82 -6.07 -21.58 -2.79
C HIS A 82 -4.74 -22.12 -2.27
N PHE A 83 -3.88 -22.59 -3.16
CA PHE A 83 -2.60 -23.12 -2.72
C PHE A 83 -1.46 -22.21 -3.14
N THR A 84 -0.37 -22.33 -2.40
CA THR A 84 0.83 -21.56 -2.61
C THR A 84 1.98 -22.59 -2.53
N GLY A 85 3.13 -22.27 -3.09
CA GLY A 85 4.26 -23.20 -3.11
C GLY A 85 5.31 -23.04 -2.03
N SER A 86 6.51 -23.48 -2.32
CA SER A 86 7.63 -23.48 -1.38
C SER A 86 8.43 -22.18 -1.22
N ASP A 87 8.13 -21.18 -2.02
CA ASP A 87 8.82 -19.92 -1.93
C ASP A 87 8.25 -19.22 -0.70
N GLN A 88 9.09 -18.95 0.28
CA GLN A 88 8.61 -18.32 1.51
C GLN A 88 8.01 -16.96 1.24
N ARG A 89 8.51 -16.29 0.21
CA ARG A 89 8.00 -14.97 -0.11
C ARG A 89 6.63 -15.05 -0.77
N LYS A 90 6.38 -16.11 -1.51
CA LYS A 90 5.11 -16.30 -2.16
C LYS A 90 4.04 -16.64 -1.11
N GLN A 91 4.45 -17.40 -0.09
CA GLN A 91 3.59 -17.84 1.01
C GLN A 91 3.10 -16.65 1.82
N ALA A 92 4.02 -15.72 2.09
CA ALA A 92 3.70 -14.50 2.81
C ALA A 92 2.64 -13.68 2.02
N ASN A 93 2.75 -13.65 0.69
CA ASN A 93 1.79 -12.90 -0.14
C ASN A 93 0.44 -13.58 -0.24
N ALA A 94 0.46 -14.88 -0.48
CA ALA A 94 -0.77 -15.62 -0.60
C ALA A 94 -1.46 -15.55 0.76
N ALA A 95 -0.71 -15.62 1.84
CA ALA A 95 -1.30 -15.56 3.19
C ALA A 95 -1.92 -14.19 3.36
N PHE A 96 -1.17 -13.19 2.92
CA PHE A 96 -1.61 -11.79 2.95
C PHE A 96 -2.97 -11.61 2.25
N LEU A 97 -3.13 -12.23 1.08
CA LEU A 97 -4.36 -12.11 0.32
C LEU A 97 -5.56 -12.80 0.97
N VAL A 98 -5.38 -14.00 1.50
CA VAL A 98 -6.48 -14.69 2.19
C VAL A 98 -6.87 -13.83 3.41
N GLY A 99 -5.87 -13.31 4.12
CA GLY A 99 -6.16 -12.49 5.27
C GLY A 99 -7.03 -11.28 4.90
N CYS A 100 -6.72 -10.70 3.73
CA CYS A 100 -7.42 -9.52 3.25
C CYS A 100 -8.84 -9.86 2.90
N TYR A 101 -9.01 -11.08 2.41
CA TYR A 101 -10.33 -11.49 2.02
C TYR A 101 -11.22 -11.72 3.24
N MET A 102 -10.65 -12.23 4.30
CA MET A 102 -11.41 -12.49 5.52
C MET A 102 -11.80 -11.17 6.14
N VAL A 103 -10.86 -10.25 6.19
CA VAL A 103 -11.13 -8.94 6.76
C VAL A 103 -12.14 -8.14 5.93
N ILE A 104 -11.88 -8.00 4.64
CA ILE A 104 -12.76 -7.23 3.78
C ILE A 104 -14.16 -7.85 3.50
N TYR A 105 -14.22 -9.06 2.94
CA TYR A 105 -15.51 -9.67 2.62
C TYR A 105 -16.15 -10.52 3.70
N LEU A 106 -15.36 -11.30 4.42
CA LEU A 106 -15.92 -12.09 5.51
C LEU A 106 -15.94 -10.96 6.52
N GLY A 107 -16.47 -11.15 7.72
CA GLY A 107 -16.47 -10.01 8.61
C GLY A 107 -15.50 -10.20 9.75
N ARG A 108 -14.41 -10.91 9.48
CA ARG A 108 -13.43 -11.21 10.50
C ARG A 108 -12.49 -10.09 10.92
N THR A 109 -12.03 -10.20 12.16
CA THR A 109 -11.12 -9.23 12.73
C THR A 109 -9.69 -9.58 12.29
N PRO A 110 -8.78 -8.60 12.41
CA PRO A 110 -7.40 -8.86 12.02
C PRO A 110 -6.81 -10.02 12.83
N GLU A 111 -7.09 -10.04 14.12
CA GLU A 111 -6.59 -11.08 15.02
C GLU A 111 -7.12 -12.48 14.66
N GLU A 112 -8.40 -12.54 14.31
CA GLU A 112 -9.05 -13.79 13.97
C GLU A 112 -8.50 -14.33 12.67
N ALA A 113 -8.28 -13.45 11.70
CA ALA A 113 -7.76 -13.87 10.40
C ALA A 113 -6.31 -14.35 10.56
N TYR A 114 -5.60 -13.73 11.48
CA TYR A 114 -4.22 -14.09 11.71
C TYR A 114 -4.16 -15.45 12.43
N ARG A 115 -5.09 -15.65 13.38
CA ARG A 115 -5.17 -16.90 14.14
C ARG A 115 -5.28 -18.05 13.16
N ILE A 116 -6.31 -17.97 12.33
CA ILE A 116 -6.58 -18.95 11.27
C ILE A 116 -5.36 -19.24 10.38
N LEU A 117 -4.63 -18.18 9.98
CA LEU A 117 -3.47 -18.34 9.11
C LEU A 117 -2.26 -19.04 9.74
N ILE A 118 -2.12 -18.94 11.05
CA ILE A 118 -1.01 -19.58 11.71
C ILE A 118 -1.49 -20.83 12.46
N PHE A 119 -2.72 -21.25 12.25
CA PHE A 119 -3.18 -22.41 12.96
C PHE A 119 -2.30 -23.62 12.68
N GLY A 120 -1.89 -23.82 11.44
CA GLY A 120 -1.02 -24.95 11.14
C GLY A 120 0.42 -24.79 11.61
N GLU A 121 0.73 -23.72 12.35
CA GLU A 121 2.09 -23.46 12.84
C GLU A 121 3.01 -22.91 11.78
N THR A 122 2.45 -22.50 10.66
CA THR A 122 3.24 -21.98 9.58
C THR A 122 4.02 -20.76 10.06
N SER A 123 5.27 -20.69 9.63
CA SER A 123 6.16 -19.62 10.00
C SER A 123 6.40 -18.62 8.86
N TYR A 124 5.52 -17.64 8.72
CA TYR A 124 5.63 -16.63 7.66
C TYR A 124 6.75 -15.63 7.85
N ILE A 125 7.53 -15.39 6.82
CA ILE A 125 8.58 -14.39 6.95
C ILE A 125 7.91 -13.01 6.81
N PRO A 126 8.29 -12.05 7.67
CA PRO A 126 7.70 -10.70 7.59
C PRO A 126 8.25 -9.82 6.46
N PHE A 127 7.41 -8.89 6.00
CA PHE A 127 7.77 -8.00 4.90
C PHE A 127 8.88 -7.00 5.20
N ARG A 128 9.86 -7.04 4.31
CA ARG A 128 11.10 -6.26 4.33
C ARG A 128 10.89 -4.90 3.66
N ASP A 129 11.83 -3.98 3.83
CA ASP A 129 11.72 -2.68 3.17
C ASP A 129 12.43 -2.75 1.82
N ALA A 130 12.47 -1.63 1.13
CA ALA A 130 13.06 -1.54 -0.21
C ALA A 130 14.50 -1.02 -0.24
N ALA A 131 15.07 -0.73 0.92
CA ALA A 131 16.44 -0.21 1.01
C ALA A 131 17.48 -1.20 0.54
N TYR A 132 18.73 -0.73 0.55
CA TYR A 132 19.91 -1.53 0.19
C TYR A 132 20.55 -1.94 1.49
N GLY A 133 20.88 -3.22 1.59
CA GLY A 133 21.50 -3.72 2.79
C GLY A 133 20.47 -4.22 3.78
N SER A 134 20.90 -4.33 5.03
CA SER A 134 20.08 -4.80 6.12
C SER A 134 18.81 -3.99 6.30
N CYS A 135 17.75 -4.65 6.76
CA CYS A 135 16.46 -4.03 7.01
C CYS A 135 16.44 -3.64 8.47
N ASN A 136 15.92 -2.46 8.81
CA ASN A 136 15.87 -2.06 10.22
C ASN A 136 14.48 -2.11 10.80
N PHE A 137 13.54 -2.63 10.01
CA PHE A 137 12.16 -2.71 10.45
C PHE A 137 11.36 -3.64 9.57
N TYR A 138 10.46 -4.41 10.18
CA TYR A 138 9.64 -5.35 9.46
C TYR A 138 8.15 -5.22 9.75
N ILE A 139 7.31 -5.38 8.73
CA ILE A 139 5.87 -5.32 8.95
C ILE A 139 5.31 -6.72 8.75
N THR A 140 4.52 -7.16 9.71
CA THR A 140 3.94 -8.49 9.70
C THR A 140 2.59 -8.57 8.99
N LEU A 141 2.08 -9.78 8.88
CA LEU A 141 0.77 -10.00 8.27
C LEU A 141 -0.30 -9.35 9.17
N LEU A 142 -0.17 -9.50 10.49
CA LEU A 142 -1.11 -8.89 11.42
C LEU A 142 -1.08 -7.37 11.26
N ASP A 143 0.12 -6.78 11.15
CA ASP A 143 0.21 -5.32 10.95
C ASP A 143 -0.58 -4.94 9.65
N CYS A 144 -0.53 -5.79 8.62
CA CYS A 144 -1.22 -5.53 7.37
C CYS A 144 -2.73 -5.68 7.49
N PHE A 145 -3.18 -6.54 8.40
CA PHE A 145 -4.60 -6.80 8.58
C PHE A 145 -5.28 -5.69 9.34
N HIS A 146 -4.55 -5.12 10.28
CA HIS A 146 -5.08 -4.03 11.05
C HIS A 146 -5.18 -2.83 10.12
N ALA A 147 -4.18 -2.65 9.26
CA ALA A 147 -4.17 -1.54 8.29
C ALA A 147 -5.35 -1.64 7.32
N VAL A 148 -5.58 -2.84 6.81
CA VAL A 148 -6.67 -3.05 5.87
C VAL A 148 -8.00 -2.82 6.57
N LYS A 149 -8.08 -3.24 7.84
CA LYS A 149 -9.29 -3.08 8.64
C LYS A 149 -9.59 -1.59 8.80
N LYS A 150 -8.65 -0.85 9.36
CA LYS A 150 -8.85 0.57 9.54
C LYS A 150 -9.08 1.29 8.21
N ALA A 151 -8.46 0.85 7.13
CA ALA A 151 -8.70 1.51 5.85
C ALA A 151 -10.18 1.42 5.53
N MET A 152 -10.82 0.34 5.96
CA MET A 152 -12.25 0.13 5.73
C MET A 152 -13.06 1.12 6.56
N GLN A 153 -12.81 1.11 7.88
CA GLN A 153 -13.50 1.98 8.83
C GLN A 153 -13.43 3.47 8.52
N TYR A 154 -12.29 3.93 8.01
CA TYR A 154 -12.06 5.34 7.71
C TYR A 154 -12.29 5.74 6.25
N GLY A 155 -12.75 4.80 5.43
CA GLY A 155 -12.99 5.11 4.04
C GLY A 155 -11.77 5.15 3.12
N PHE A 156 -10.64 4.58 3.53
CA PHE A 156 -9.46 4.56 2.66
C PHE A 156 -9.62 3.50 1.59
N LEU A 157 -10.35 2.43 1.92
CA LEU A 157 -10.57 1.34 0.97
C LEU A 157 -12.05 1.12 0.84
N ASN A 158 -12.52 0.99 -0.40
CA ASN A 158 -13.93 0.76 -0.67
C ASN A 158 -13.93 0.00 -1.97
N PHE A 159 -14.09 -1.31 -1.89
CA PHE A 159 -14.08 -2.12 -3.09
C PHE A 159 -15.41 -2.08 -3.81
N ASN A 160 -16.30 -1.20 -3.34
CA ASN A 160 -17.59 -1.04 -4.00
C ASN A 160 -17.37 0.02 -5.09
N SER A 161 -16.46 0.96 -4.84
CA SER A 161 -16.21 2.04 -5.80
C SER A 161 -14.82 2.07 -6.43
N PHE A 162 -13.87 1.34 -5.83
CA PHE A 162 -12.49 1.28 -6.34
C PHE A 162 -12.40 1.14 -7.87
N ASN A 163 -11.65 2.00 -8.54
CA ASN A 163 -11.53 1.86 -9.98
C ASN A 163 -10.23 1.17 -10.30
N LEU A 164 -10.33 -0.08 -10.74
CA LEU A 164 -9.16 -0.88 -11.07
C LEU A 164 -8.36 -0.39 -12.29
N ASP A 165 -9.02 -0.12 -13.41
CA ASP A 165 -8.29 0.35 -14.58
C ASP A 165 -7.61 1.69 -14.34
N GLU A 166 -8.22 2.53 -13.51
CA GLU A 166 -7.66 3.82 -13.18
C GLU A 166 -6.41 3.60 -12.32
N TYR A 167 -6.52 2.70 -11.33
CA TYR A 167 -5.39 2.41 -10.47
C TYR A 167 -4.23 1.84 -11.31
N GLU A 168 -4.51 0.90 -12.20
CA GLU A 168 -3.42 0.33 -12.99
C GLU A 168 -2.85 1.25 -14.07
N HIS A 169 -3.70 2.12 -14.60
CA HIS A 169 -3.27 3.06 -15.61
C HIS A 169 -2.24 4.05 -15.08
N TYR A 170 -2.56 4.72 -13.98
CA TYR A 170 -1.69 5.75 -13.41
C TYR A 170 -0.51 5.36 -12.54
N GLU A 171 -0.28 4.06 -12.33
CA GLU A 171 0.86 3.65 -11.53
C GLU A 171 1.97 3.40 -12.52
N LYS A 172 1.63 3.19 -13.79
CA LYS A 172 2.64 2.97 -14.81
C LYS A 172 3.46 4.23 -14.91
N ALA A 173 4.76 4.08 -15.10
CA ALA A 173 5.66 5.22 -15.19
C ALA A 173 5.26 6.12 -16.36
N GLU A 174 4.82 5.51 -17.44
CA GLU A 174 4.44 6.25 -18.63
C GLU A 174 3.12 7.03 -18.52
N ASN A 175 2.47 6.92 -17.37
CA ASN A 175 1.23 7.64 -17.19
C ASN A 175 1.38 8.58 -16.00
N GLY A 176 2.55 8.56 -15.39
CA GLY A 176 2.80 9.44 -14.26
C GLY A 176 3.17 8.80 -12.95
N ASP A 177 3.22 7.47 -12.88
CA ASP A 177 3.54 6.73 -11.64
C ASP A 177 2.96 7.42 -10.43
N LEU A 178 1.65 7.35 -10.30
CA LEU A 178 0.99 8.01 -9.20
C LEU A 178 0.00 7.08 -8.48
N ASN A 179 -0.26 7.33 -7.21
CA ASN A 179 -1.20 6.54 -6.45
C ASN A 179 -1.97 7.35 -5.41
N TRP A 180 -3.26 7.11 -5.32
CA TRP A 180 -3.98 7.75 -4.26
C TRP A 180 -3.61 6.99 -2.96
N ILE A 181 -3.19 7.72 -1.93
CA ILE A 181 -2.85 7.07 -0.68
C ILE A 181 -4.13 7.12 0.12
N ILE A 182 -4.74 8.28 0.17
CA ILE A 182 -6.02 8.44 0.86
C ILE A 182 -6.95 9.02 -0.18
N PRO A 183 -7.97 8.25 -0.58
CA PRO A 183 -8.93 8.69 -1.59
C PRO A 183 -9.51 10.06 -1.28
N ASP A 184 -9.50 10.92 -2.31
CA ASP A 184 -10.00 12.29 -2.24
C ASP A 184 -9.13 13.22 -1.38
N ARG A 185 -7.98 12.73 -0.90
CA ARG A 185 -7.16 13.56 -0.02
C ARG A 185 -5.64 13.53 -0.30
N PHE A 186 -5.03 12.36 -0.49
CA PHE A 186 -3.58 12.29 -0.76
C PHE A 186 -3.17 11.45 -1.96
N ILE A 187 -2.37 12.02 -2.85
CA ILE A 187 -1.83 11.31 -4.03
C ILE A 187 -0.32 11.40 -3.87
N ALA A 188 0.39 10.38 -4.33
CA ALA A 188 1.85 10.41 -4.28
C ALA A 188 2.27 10.21 -5.72
N PHE A 189 3.31 10.88 -6.17
CA PHE A 189 3.73 10.70 -7.56
C PHE A 189 5.20 10.97 -7.75
N CYS A 190 5.73 10.47 -8.85
CA CYS A 190 7.13 10.66 -9.19
C CYS A 190 7.42 12.14 -9.48
N GLY A 191 8.50 12.66 -8.90
CA GLY A 191 8.87 14.05 -9.12
C GLY A 191 8.80 14.42 -10.58
N PRO A 192 8.15 15.54 -10.92
CA PRO A 192 8.01 16.01 -12.30
C PRO A 192 9.27 16.76 -12.73
N HIS A 193 9.76 16.44 -13.91
CA HIS A 193 10.95 17.11 -14.41
C HIS A 193 10.58 18.27 -15.32
N SER A 194 11.34 19.37 -15.22
CA SER A 194 11.13 20.55 -16.04
C SER A 194 11.44 20.15 -17.48
N ARG A 195 10.41 20.16 -18.32
CA ARG A 195 10.53 19.79 -19.72
C ARG A 195 10.43 18.27 -19.83
N ALA A 196 9.33 17.80 -20.41
CA ALA A 196 9.08 16.38 -20.56
C ALA A 196 10.18 15.59 -21.28
N ARG A 197 10.02 14.29 -21.26
CA ARG A 197 10.95 13.36 -21.92
C ARG A 197 10.23 12.02 -21.83
N LEU A 198 8.98 12.01 -22.30
CA LEU A 198 8.14 10.83 -22.29
C LEU A 198 8.51 9.88 -23.42
N GLU A 199 9.77 9.93 -23.85
CA GLU A 199 10.13 9.05 -24.95
C GLU A 199 11.30 8.11 -24.76
N SER A 200 10.96 6.90 -24.31
CA SER A 200 11.92 5.82 -24.18
C SER A 200 13.04 5.84 -23.14
N GLY A 201 13.15 4.73 -22.44
CA GLY A 201 14.17 4.57 -21.40
C GLY A 201 13.85 5.54 -20.30
N TYR A 202 13.20 6.63 -20.69
CA TYR A 202 12.83 7.66 -19.75
C TYR A 202 11.32 7.80 -19.78
N HIS A 203 10.83 8.35 -18.69
CA HIS A 203 9.42 8.63 -18.51
C HIS A 203 9.36 9.79 -17.53
N GLN A 204 10.20 10.78 -17.81
CA GLN A 204 10.25 11.99 -17.00
C GLN A 204 9.06 12.80 -17.47
N HIS A 205 8.16 13.10 -16.55
CA HIS A 205 7.00 13.87 -16.90
C HIS A 205 7.13 15.32 -16.48
N SER A 206 6.61 16.19 -17.33
CA SER A 206 6.59 17.62 -17.06
C SER A 206 5.33 17.76 -16.26
N PRO A 207 5.16 18.90 -15.56
CA PRO A 207 3.96 19.14 -14.76
C PRO A 207 2.64 19.14 -15.54
N GLU A 208 2.72 19.26 -16.87
CA GLU A 208 1.51 19.29 -17.71
C GLU A 208 0.64 18.05 -17.78
N THR A 209 1.25 16.86 -17.75
CA THR A 209 0.45 15.63 -17.81
C THR A 209 -0.23 15.34 -16.46
N TYR A 210 -0.02 16.22 -15.47
CA TYR A 210 -0.62 16.06 -14.15
C TYR A 210 -1.74 17.06 -13.88
N ILE A 211 -1.61 18.25 -14.47
CA ILE A 211 -2.56 19.34 -14.28
C ILE A 211 -4.02 18.98 -14.55
N GLN A 212 -4.29 18.29 -15.65
CA GLN A 212 -5.65 17.92 -15.97
C GLN A 212 -6.21 17.04 -14.85
N TYR A 213 -5.66 15.82 -14.74
CA TYR A 213 -6.07 14.84 -13.74
C TYR A 213 -6.19 15.47 -12.35
N PHE A 214 -5.22 16.30 -12.00
CA PHE A 214 -5.22 16.98 -10.71
C PHE A 214 -6.44 17.87 -10.49
N LYS A 215 -6.83 18.63 -11.51
CA LYS A 215 -7.98 19.54 -11.40
C LYS A 215 -9.28 18.81 -11.28
N ASN A 216 -9.44 17.74 -12.06
CA ASN A 216 -10.65 16.94 -12.02
C ASN A 216 -10.80 16.15 -10.72
N HIS A 217 -9.72 15.99 -9.96
CA HIS A 217 -9.81 15.24 -8.71
C HIS A 217 -9.54 16.18 -7.52
N ASN A 218 -9.80 17.47 -7.76
CA ASN A 218 -9.65 18.53 -6.78
C ASN A 218 -8.32 18.73 -6.06
N VAL A 219 -7.19 18.43 -6.71
CA VAL A 219 -5.91 18.65 -6.07
C VAL A 219 -5.70 20.17 -6.04
N THR A 220 -5.55 20.74 -4.85
CA THR A 220 -5.36 22.18 -4.69
C THR A 220 -3.99 22.55 -4.16
N THR A 221 -3.20 21.56 -3.78
CA THR A 221 -1.89 21.82 -3.21
C THR A 221 -0.83 20.87 -3.71
N ILE A 222 0.41 21.34 -3.79
CA ILE A 222 1.50 20.49 -4.22
C ILE A 222 2.74 20.72 -3.37
N ILE A 223 3.23 19.65 -2.75
CA ILE A 223 4.41 19.71 -1.92
C ILE A 223 5.56 19.01 -2.62
N ARG A 224 6.73 19.63 -2.62
CA ARG A 224 7.91 19.07 -3.27
C ARG A 224 8.98 18.84 -2.23
N LEU A 225 9.47 17.61 -2.14
CA LEU A 225 10.51 17.26 -1.15
C LEU A 225 11.82 17.02 -1.88
N ASN A 226 11.67 16.71 -3.15
CA ASN A 226 12.75 16.45 -4.10
C ASN A 226 13.63 17.71 -4.11
N LYS A 227 14.66 17.74 -4.95
CA LYS A 227 15.48 18.95 -5.07
C LYS A 227 14.72 19.70 -6.17
N ARG A 228 15.13 20.90 -6.53
CA ARG A 228 14.40 21.65 -7.55
C ARG A 228 14.68 21.27 -8.99
N MET A 229 13.79 20.48 -9.58
CA MET A 229 13.95 20.04 -10.96
C MET A 229 13.10 20.84 -11.96
N TYR A 230 12.12 21.59 -11.45
CA TYR A 230 11.24 22.42 -12.27
C TYR A 230 10.95 23.71 -11.50
N ASP A 231 10.48 24.73 -12.22
CA ASP A 231 10.15 26.00 -11.57
C ASP A 231 8.73 25.87 -11.03
N ALA A 232 8.55 26.18 -9.74
CA ALA A 232 7.24 26.10 -9.11
C ALA A 232 6.13 26.69 -9.98
N LYS A 233 6.48 27.74 -10.73
CA LYS A 233 5.56 28.46 -11.62
C LYS A 233 4.66 27.59 -12.50
N ARG A 234 5.24 26.56 -13.11
CA ARG A 234 4.52 25.68 -14.01
C ARG A 234 3.28 25.01 -13.42
N PHE A 235 3.21 24.94 -12.09
CA PHE A 235 2.06 24.36 -11.40
C PHE A 235 1.16 25.46 -10.82
N THR A 236 1.76 26.45 -10.17
CA THR A 236 0.99 27.55 -9.57
C THR A 236 0.23 28.33 -10.63
N ASP A 237 0.85 28.48 -11.79
CA ASP A 237 0.25 29.20 -12.89
C ASP A 237 -1.11 28.59 -13.27
N ALA A 238 -1.39 27.40 -12.77
CA ALA A 238 -2.65 26.74 -13.06
C ALA A 238 -3.57 26.75 -11.85
N GLY A 239 -3.28 27.63 -10.89
CA GLY A 239 -4.10 27.74 -9.70
C GLY A 239 -3.72 26.85 -8.53
N PHE A 240 -2.61 26.15 -8.65
CA PHE A 240 -2.15 25.26 -7.60
C PHE A 240 -1.28 26.01 -6.62
N ASP A 241 -1.54 25.79 -5.33
CA ASP A 241 -0.75 26.38 -4.26
C ASP A 241 0.42 25.39 -4.16
N HIS A 242 1.65 25.88 -4.22
CA HIS A 242 2.88 25.05 -4.18
C HIS A 242 3.71 25.33 -2.91
N HIS A 243 4.47 24.33 -2.47
CA HIS A 243 5.30 24.47 -1.28
C HIS A 243 6.51 23.59 -1.49
N ASP A 244 7.64 23.98 -0.94
CA ASP A 244 8.88 23.23 -1.06
C ASP A 244 9.44 22.96 0.33
N LEU A 245 9.15 21.78 0.86
CA LEU A 245 9.64 21.40 2.19
C LEU A 245 10.91 20.57 2.01
N PHE A 246 11.83 21.04 1.18
CA PHE A 246 13.06 20.31 0.94
C PHE A 246 13.88 19.83 2.14
N PHE A 247 14.37 18.59 2.01
CA PHE A 247 15.21 17.97 3.02
C PHE A 247 15.88 16.71 2.41
N ALA A 248 17.15 16.53 2.77
CA ALA A 248 18.03 15.43 2.31
C ALA A 248 17.37 14.13 1.85
N ASP A 249 17.61 13.78 0.58
CA ASP A 249 17.07 12.55 -0.01
C ASP A 249 17.44 11.27 0.75
N GLY A 250 16.43 10.46 1.07
CA GLY A 250 16.68 9.22 1.80
C GLY A 250 16.90 9.43 3.29
N SER A 251 16.82 10.69 3.72
CA SER A 251 17.00 11.01 5.11
C SER A 251 15.63 11.25 5.75
N THR A 252 15.65 11.64 7.01
CA THR A 252 14.41 11.84 7.75
C THR A 252 14.08 13.31 7.92
N PRO A 253 12.80 13.63 8.06
CA PRO A 253 12.47 15.05 8.24
C PRO A 253 12.71 15.61 9.65
N THR A 254 13.10 16.88 9.73
CA THR A 254 13.28 17.52 11.03
C THR A 254 11.85 17.70 11.51
N ASP A 255 11.67 18.01 12.79
CA ASP A 255 10.33 18.23 13.33
C ASP A 255 9.77 19.52 12.75
N ALA A 256 10.64 20.50 12.51
CA ALA A 256 10.19 21.75 11.93
C ALA A 256 9.46 21.42 10.63
N ILE A 257 10.06 20.56 9.81
CA ILE A 257 9.47 20.14 8.52
C ILE A 257 8.18 19.33 8.74
N VAL A 258 8.22 18.35 9.63
CA VAL A 258 7.03 17.57 9.90
C VAL A 258 5.88 18.51 10.26
N LYS A 259 6.14 19.51 11.11
CA LYS A 259 5.09 20.45 11.51
C LYS A 259 4.61 21.36 10.39
N GLU A 260 5.51 21.72 9.48
CA GLU A 260 5.12 22.57 8.37
C GLU A 260 4.21 21.73 7.46
N PHE A 261 4.66 20.51 7.15
CA PHE A 261 3.89 19.59 6.31
C PHE A 261 2.47 19.43 6.87
N LEU A 262 2.36 19.01 8.13
CA LEU A 262 1.06 18.84 8.77
C LEU A 262 0.24 20.14 8.69
N ASP A 263 0.92 21.27 8.82
CA ASP A 263 0.25 22.58 8.75
C ASP A 263 -0.29 22.83 7.35
N ILE A 264 0.54 22.67 6.34
CA ILE A 264 0.08 22.86 4.98
C ILE A 264 -1.11 21.94 4.77
N CYS A 265 -0.95 20.66 5.10
CA CYS A 265 -2.01 19.66 4.92
C CYS A 265 -3.27 19.97 5.70
N GLU A 266 -3.11 20.19 7.00
CA GLU A 266 -4.24 20.50 7.86
C GLU A 266 -4.98 21.77 7.43
N ASN A 267 -4.48 22.46 6.42
CA ASN A 267 -5.11 23.68 5.94
C ASN A 267 -5.44 23.72 4.46
N ALA A 268 -4.90 22.80 3.66
CA ALA A 268 -5.20 22.79 2.22
C ALA A 268 -6.71 22.72 2.02
N GLU A 269 -7.22 23.17 0.88
CA GLU A 269 -8.66 23.12 0.68
C GLU A 269 -9.20 21.98 -0.18
N GLY A 270 -8.31 21.07 -0.57
CA GLY A 270 -8.75 19.93 -1.35
C GLY A 270 -7.73 18.84 -1.16
N ALA A 271 -7.52 18.03 -2.18
CA ALA A 271 -6.54 16.97 -2.08
C ALA A 271 -5.14 17.61 -2.23
N ILE A 272 -4.14 16.89 -1.75
CA ILE A 272 -2.75 17.33 -1.81
C ILE A 272 -1.99 16.28 -2.62
N ALA A 273 -1.09 16.73 -3.48
CA ALA A 273 -0.27 15.81 -4.26
C ALA A 273 1.12 15.97 -3.71
N VAL A 274 1.75 14.88 -3.31
CA VAL A 274 3.10 14.97 -2.76
C VAL A 274 4.06 14.20 -3.63
N HIS A 275 5.25 14.70 -3.78
CA HIS A 275 6.19 13.98 -4.62
C HIS A 275 7.60 14.28 -4.18
N CYS A 276 8.52 13.38 -4.49
CA CYS A 276 9.93 13.62 -4.19
C CYS A 276 10.57 13.17 -5.50
N LYS A 277 11.64 12.39 -5.46
CA LYS A 277 12.20 11.93 -6.73
C LYS A 277 11.40 10.72 -7.22
N ALA A 278 11.42 9.64 -6.45
CA ALA A 278 10.68 8.43 -6.81
C ALA A 278 9.26 8.43 -6.24
N GLY A 279 8.95 9.46 -5.45
CA GLY A 279 7.64 9.55 -4.83
C GLY A 279 7.34 8.37 -3.93
N LEU A 280 8.39 7.79 -3.33
CA LEU A 280 8.22 6.63 -2.43
C LEU A 280 8.68 6.94 -1.02
N GLY A 281 10.00 7.01 -0.85
CA GLY A 281 10.62 7.27 0.44
C GLY A 281 10.25 8.53 1.19
N ARG A 282 10.75 9.68 0.75
CA ARG A 282 10.44 10.92 1.46
C ARG A 282 8.93 11.22 1.43
N THR A 283 8.31 10.93 0.31
CA THR A 283 6.91 11.20 0.13
C THR A 283 6.08 10.35 1.07
N GLY A 284 6.31 9.04 1.00
CA GLY A 284 5.59 8.13 1.86
C GLY A 284 5.79 8.47 3.32
N THR A 285 7.00 8.88 3.68
CA THR A 285 7.29 9.19 5.07
C THR A 285 6.42 10.30 5.65
N LEU A 286 6.24 11.40 4.91
CA LEU A 286 5.44 12.50 5.42
C LEU A 286 3.92 12.23 5.41
N ILE A 287 3.45 11.53 4.40
CA ILE A 287 2.04 11.22 4.38
C ILE A 287 1.73 10.27 5.57
N ALA A 288 2.61 9.29 5.84
CA ALA A 288 2.39 8.38 6.97
C ALA A 288 2.28 9.21 8.26
N CYS A 289 3.02 10.30 8.31
CA CYS A 289 2.98 11.22 9.44
C CYS A 289 1.58 11.78 9.67
N TYR A 290 0.98 12.30 8.62
CA TYR A 290 -0.35 12.88 8.73
C TYR A 290 -1.37 11.83 9.19
N ILE A 291 -1.19 10.60 8.73
CA ILE A 291 -2.11 9.52 9.07
C ILE A 291 -1.98 9.04 10.51
N MET A 292 -0.78 9.03 11.06
CA MET A 292 -0.64 8.60 12.44
C MET A 292 -1.27 9.63 13.38
N LYS A 293 -1.08 10.91 13.06
CA LYS A 293 -1.60 12.02 13.86
C LYS A 293 -3.14 12.13 13.79
N HIS A 294 -3.69 12.00 12.60
CA HIS A 294 -5.12 12.12 12.38
C HIS A 294 -5.98 10.87 12.40
N TYR A 295 -5.38 9.70 12.21
CA TYR A 295 -6.18 8.49 12.27
C TYR A 295 -5.73 7.59 13.42
N ARG A 296 -4.74 8.07 14.15
CA ARG A 296 -4.20 7.37 15.31
C ARG A 296 -3.78 5.91 15.04
N MET A 297 -3.25 5.67 13.84
CA MET A 297 -2.78 4.36 13.46
C MET A 297 -1.29 4.23 13.83
N THR A 298 -0.85 3.01 14.10
CA THR A 298 0.54 2.77 14.45
C THR A 298 1.45 2.97 13.22
N ALA A 299 2.73 3.14 13.49
CA ALA A 299 3.68 3.33 12.44
C ALA A 299 3.64 2.12 11.50
N ALA A 300 3.56 0.93 12.08
CA ALA A 300 3.50 -0.32 11.31
C ALA A 300 2.21 -0.43 10.51
N GLU A 301 1.08 -0.08 11.09
CA GLU A 301 -0.17 -0.14 10.32
C GLU A 301 -0.11 0.87 9.17
N THR A 302 0.38 2.09 9.47
CA THR A 302 0.47 3.15 8.46
C THR A 302 1.41 2.77 7.30
N ILE A 303 2.63 2.37 7.65
CA ILE A 303 3.61 1.96 6.63
C ILE A 303 2.99 0.85 5.75
N ALA A 304 2.26 -0.07 6.39
CA ALA A 304 1.62 -1.15 5.66
C ALA A 304 0.62 -0.58 4.69
N TRP A 305 -0.28 0.28 5.15
CA TRP A 305 -1.29 0.85 4.26
C TRP A 305 -0.65 1.58 3.09
N VAL A 306 0.33 2.43 3.38
CA VAL A 306 1.03 3.18 2.36
C VAL A 306 1.73 2.28 1.32
N ARG A 307 2.36 1.19 1.75
CA ARG A 307 3.04 0.29 0.82
C ARG A 307 2.06 -0.52 -0.02
N ILE A 308 0.85 -0.73 0.48
CA ILE A 308 -0.17 -1.46 -0.27
C ILE A 308 -0.66 -0.55 -1.41
N CYS A 309 -0.76 0.74 -1.11
CA CYS A 309 -1.20 1.71 -2.11
C CYS A 309 -0.06 1.97 -3.11
N ARG A 310 1.13 2.20 -2.56
CA ARG A 310 2.33 2.50 -3.35
C ARG A 310 3.52 1.64 -2.89
N PRO A 311 3.69 0.45 -3.46
CA PRO A 311 4.82 -0.38 -3.03
C PRO A 311 6.15 0.36 -3.09
N GLY A 312 7.00 0.11 -2.09
CA GLY A 312 8.31 0.76 -2.05
C GLY A 312 8.43 1.94 -1.12
N SER A 313 7.32 2.44 -0.62
CA SER A 313 7.35 3.61 0.25
C SER A 313 7.95 3.42 1.64
N VAL A 314 8.63 4.45 2.12
CA VAL A 314 9.29 4.44 3.43
C VAL A 314 10.44 3.45 3.33
N ILE A 315 11.65 3.98 3.36
CA ILE A 315 12.86 3.20 3.20
C ILE A 315 13.89 3.48 4.26
N GLY A 316 14.66 2.45 4.59
CA GLY A 316 15.72 2.60 5.56
C GLY A 316 15.42 3.31 6.86
N PRO A 317 16.20 4.35 7.20
CA PRO A 317 16.02 5.10 8.45
C PRO A 317 14.67 5.79 8.53
N GLN A 318 13.91 5.76 7.45
CA GLN A 318 12.60 6.38 7.47
C GLN A 318 11.65 5.60 8.34
N GLN A 319 11.81 4.29 8.36
CA GLN A 319 10.96 3.45 9.16
C GLN A 319 11.21 3.69 10.63
N GLN A 320 12.46 3.88 11.02
CA GLN A 320 12.77 4.11 12.43
C GLN A 320 12.15 5.41 12.90
N PHE A 321 12.18 6.39 12.01
CA PHE A 321 11.65 7.70 12.30
C PHE A 321 10.18 7.60 12.63
N LEU A 322 9.41 6.94 11.77
CA LEU A 322 7.99 6.83 12.04
C LEU A 322 7.71 6.09 13.34
N VAL A 323 8.44 5.01 13.56
CA VAL A 323 8.31 4.19 14.76
C VAL A 323 8.56 5.04 16.00
N MET A 324 9.58 5.89 15.92
CA MET A 324 9.93 6.76 17.03
C MET A 324 8.91 7.89 17.23
N LYS A 325 8.57 8.59 16.15
CA LYS A 325 7.64 9.71 16.25
C LYS A 325 6.19 9.35 16.54
N GLN A 326 5.86 8.07 16.49
CA GLN A 326 4.50 7.63 16.75
C GLN A 326 3.81 8.19 18.00
N THR A 327 4.42 7.99 19.15
CA THR A 327 3.82 8.45 20.40
C THR A 327 3.55 9.93 20.36
N ASN A 328 4.50 10.66 19.77
CA ASN A 328 4.38 12.10 19.67
C ASN A 328 3.31 12.60 18.69
N LEU A 329 3.14 11.90 17.57
CA LEU A 329 2.11 12.32 16.63
C LEU A 329 0.75 11.91 17.15
N TRP A 330 0.69 10.81 17.89
CA TRP A 330 -0.57 10.37 18.45
C TRP A 330 -1.14 11.44 19.37
N LEU A 331 -0.29 11.98 20.24
CA LEU A 331 -0.69 13.02 21.18
C LEU A 331 -0.96 14.35 20.51
N GLU A 332 -0.22 14.68 19.46
CA GLU A 332 -0.43 15.94 18.74
C GLU A 332 -1.84 15.92 18.19
N GLY A 333 -2.24 14.78 17.65
CA GLY A 333 -3.57 14.65 17.09
C GLY A 333 -4.61 14.69 18.18
N ASP A 334 -4.29 14.12 19.34
CA ASP A 334 -5.21 14.11 20.47
C ASP A 334 -5.56 15.55 20.81
N TYR A 335 -4.53 16.37 21.03
CA TYR A 335 -4.71 17.77 21.35
C TYR A 335 -5.46 18.48 20.22
N PHE A 336 -5.09 18.14 18.99
CA PHE A 336 -5.70 18.75 17.80
C PHE A 336 -7.21 18.53 17.76
N ARG A 337 -7.61 17.27 17.86
CA ARG A 337 -9.02 16.92 17.81
C ARG A 337 -9.83 17.66 18.88
N GLN A 338 -9.27 17.78 20.07
CA GLN A 338 -9.96 18.45 21.16
C GLN A 338 -10.03 19.96 21.01
N LYS A 339 -8.98 20.57 20.44
CA LYS A 339 -8.98 22.01 20.23
C LYS A 339 -10.13 22.37 19.32
N LEU A 340 -10.39 21.54 18.33
CA LEU A 340 -11.47 21.82 17.41
C LEU A 340 -12.85 21.53 17.99
N LYS A 341 -12.89 20.96 19.19
CA LYS A 341 -14.15 20.65 19.83
C LYS A 341 -14.49 21.73 20.85
N GLY A 342 -15.69 21.93 21.12
#